data_6B91
#
_entry.id   6B91
#
_cell.length_a   190.050
_cell.length_b   190.050
_cell.length_c   190.050
_cell.angle_alpha   90.00
_cell.angle_beta   90.00
_cell.angle_gamma   90.00
#
_symmetry.space_group_name_H-M   'I 41 3 2'
#
loop_
_entity.id
_entity.type
_entity.pdbx_description
1 polymer 'U6 small nuclear RNA (adenine-(43)-N(6))-methyltransferase'
2 non-polymer 'SODIUM ION'
3 non-polymer 1,2-ETHANEDIOL
4 water water
#
_entity_poly.entity_id   1
_entity_poly.type   'polypeptide(L)'
_entity_poly.pdbx_seq_one_letter_code
;SNAMALSKSMHARNRYKDKPPDFAYLASKYPDFKQHVQINLNGRVSLNFKDPEAVRALTCTLLREDFGLSIDIPLERLIP
TVPLRLNYIHWVEDLIGHQDSDKSTLRRGIDIGTGASCIYPLLGATLNGWYFLATEVDDMCFNYAKKNVEQNNLSDLIKV
VKVPQKTLLMDALKEESEIIYDFCMCNPPFFANQLEAKGVNSRNPRRPPPSSVNTGGITEIMAEGGELEFVKRIIHDSLQ
LKKRLRWYSCMLGKKCSLAPLKEELRIQGVPKVTYTEFCQGRTMRWALAWSFYD
;
_entity_poly.pdbx_strand_id   A
#
loop_
_chem_comp.id
_chem_comp.type
_chem_comp.name
_chem_comp.formula
EDO non-polymer 1,2-ETHANEDIOL 'C2 H6 O2'
NA non-polymer 'SODIUM ION' 'Na 1'
#
# COMPACT_ATOMS: atom_id res chain seq x y z
N LEU A 6 23.28 -3.03 -8.00
CA LEU A 6 22.35 -2.34 -7.05
C LEU A 6 21.29 -1.52 -7.80
N SER A 7 20.01 -1.79 -7.50
CA SER A 7 18.87 -1.04 -8.05
C SER A 7 18.66 0.29 -7.32
N LYS A 8 18.25 1.29 -8.10
CA LYS A 8 17.81 2.59 -7.58
C LYS A 8 16.28 2.71 -7.54
N SER A 9 15.60 1.86 -8.29
CA SER A 9 14.16 1.94 -8.35
C SER A 9 13.48 1.08 -7.26
N MET A 10 13.97 -0.14 -7.04
CA MET A 10 13.27 -1.05 -6.18
C MET A 10 14.01 -1.39 -4.92
N HIS A 11 13.24 -1.72 -3.90
CA HIS A 11 13.77 -2.31 -2.70
C HIS A 11 14.64 -3.54 -3.02
N ALA A 12 15.76 -3.66 -2.31
CA ALA A 12 16.71 -4.76 -2.54
C ALA A 12 16.09 -6.16 -2.45
N ARG A 13 15.14 -6.38 -1.54
CA ARG A 13 14.42 -7.66 -1.43
C ARG A 13 13.16 -7.83 -2.31
N ASN A 14 12.80 -6.87 -3.16
CA ASN A 14 11.67 -7.02 -4.07
C ASN A 14 11.92 -8.13 -5.09
N ARG A 15 11.05 -9.13 -5.14
CA ARG A 15 11.29 -10.25 -6.05
C ARG A 15 11.39 -9.82 -7.52
N TYR A 16 10.76 -8.71 -7.89
CA TYR A 16 10.79 -8.25 -9.28
C TYR A 16 12.03 -7.39 -9.64
N LYS A 17 12.93 -7.15 -8.68
CA LYS A 17 14.10 -6.29 -8.87
C LYS A 17 14.98 -6.79 -10.00
N ASP A 18 15.32 -8.07 -9.97
CA ASP A 18 16.04 -8.64 -11.09
C ASP A 18 15.23 -9.60 -11.94
N LYS A 19 14.07 -10.07 -11.46
CA LYS A 19 13.16 -10.97 -12.21
C LYS A 19 11.89 -10.21 -12.59
N PRO A 20 11.95 -9.34 -13.59
CA PRO A 20 10.70 -8.68 -13.98
C PRO A 20 9.65 -9.68 -14.54
N PRO A 21 8.37 -9.32 -14.45
CA PRO A 21 7.36 -10.21 -15.04
C PRO A 21 7.66 -10.60 -16.51
N ASP A 22 7.56 -11.88 -16.84
CA ASP A 22 7.85 -12.41 -18.21
C ASP A 22 6.50 -12.55 -18.87
N PHE A 23 6.13 -11.61 -19.72
CA PHE A 23 4.75 -11.59 -20.24
C PHE A 23 4.49 -12.80 -21.15
N ALA A 24 5.50 -13.28 -21.87
CA ALA A 24 5.32 -14.43 -22.73
C ALA A 24 5.01 -15.66 -21.88
N TYR A 25 5.76 -15.83 -20.78
CA TYR A 25 5.49 -16.93 -19.86
C TYR A 25 4.06 -16.84 -19.31
N LEU A 26 3.68 -15.66 -18.85
CA LEU A 26 2.35 -15.50 -18.26
C LEU A 26 1.24 -15.77 -19.30
N ALA A 27 1.44 -15.30 -20.54
CA ALA A 27 0.47 -15.53 -21.61
C ALA A 27 0.34 -17.02 -21.95
N SER A 28 1.43 -17.76 -21.87
CA SER A 28 1.46 -19.18 -22.17
C SER A 28 0.67 -19.98 -21.16
N LYS A 29 0.61 -19.48 -19.92
CA LYS A 29 0.02 -20.22 -18.82
C LYS A 29 -1.43 -19.77 -18.49
N TYR A 30 -1.71 -18.49 -18.68
CA TYR A 30 -2.98 -17.87 -18.25
C TYR A 30 -3.78 -17.32 -19.44
N PRO A 31 -4.80 -18.07 -19.90
CA PRO A 31 -5.59 -17.62 -21.06
C PRO A 31 -6.29 -16.30 -20.88
N ASP A 32 -6.74 -15.98 -19.67
CA ASP A 32 -7.38 -14.70 -19.39
C ASP A 32 -6.37 -13.54 -19.48
N PHE A 33 -5.10 -13.82 -19.25
CA PHE A 33 -4.07 -12.83 -19.44
C PHE A 33 -3.72 -12.67 -20.91
N LYS A 34 -3.61 -13.80 -21.62
CA LYS A 34 -3.25 -13.76 -23.03
C LYS A 34 -4.19 -12.93 -23.89
N GLN A 35 -5.46 -12.90 -23.55
CA GLN A 35 -6.38 -12.15 -24.38
C GLN A 35 -6.17 -10.62 -24.30
N HIS A 36 -5.40 -10.12 -23.32
CA HIS A 36 -5.12 -8.70 -23.18
C HIS A 36 -3.70 -8.28 -23.59
N VAL A 37 -2.92 -9.16 -24.19
CA VAL A 37 -1.56 -8.80 -24.57
C VAL A 37 -1.53 -8.63 -26.07
N GLN A 38 -0.47 -7.98 -26.54
CA GLN A 38 -0.23 -7.85 -27.98
C GLN A 38 1.26 -7.94 -28.25
N ILE A 39 1.63 -7.96 -29.52
CA ILE A 39 3.05 -8.06 -29.93
C ILE A 39 3.56 -6.67 -30.33
N ASN A 40 4.68 -6.22 -29.75
CA ASN A 40 5.24 -4.90 -30.09
C ASN A 40 6.20 -4.95 -31.27
N LEU A 41 6.80 -3.80 -31.59
CA LEU A 41 7.65 -3.63 -32.76
C LEU A 41 8.93 -4.44 -32.66
N ASN A 42 9.37 -4.72 -31.43
CA ASN A 42 10.48 -5.67 -31.19
C ASN A 42 10.09 -7.16 -31.32
N GLY A 43 8.83 -7.49 -31.64
CA GLY A 43 8.34 -8.89 -31.58
C GLY A 43 8.17 -9.45 -30.17
N ARG A 44 8.02 -8.59 -29.15
CA ARG A 44 7.92 -9.01 -27.75
CA ARG A 44 7.93 -9.03 -27.77
C ARG A 44 6.49 -8.88 -27.28
N VAL A 45 6.10 -9.72 -26.34
CA VAL A 45 4.77 -9.69 -25.82
C VAL A 45 4.68 -8.45 -24.94
N SER A 46 3.65 -7.66 -25.14
CA SER A 46 3.52 -6.41 -24.48
C SER A 46 2.07 -6.16 -24.08
N LEU A 47 1.87 -5.09 -23.36
CA LEU A 47 0.56 -4.81 -22.82
C LEU A 47 0.35 -3.31 -22.89
N ASN A 48 -0.85 -2.88 -23.27
CA ASN A 48 -1.26 -1.49 -23.19
C ASN A 48 -1.64 -1.02 -21.77
N PHE A 49 -0.74 -0.32 -21.10
CA PHE A 49 -0.92 0.11 -19.71
C PHE A 49 -1.95 1.23 -19.50
N LYS A 50 -2.47 1.81 -20.58
CA LYS A 50 -3.60 2.71 -20.49
C LYS A 50 -4.92 1.99 -20.46
N ASP A 51 -4.94 0.68 -20.77
CA ASP A 51 -6.18 -0.08 -20.83
C ASP A 51 -6.46 -0.76 -19.48
N PRO A 52 -7.51 -0.32 -18.77
CA PRO A 52 -7.78 -0.90 -17.44
C PRO A 52 -8.04 -2.41 -17.41
N GLU A 53 -8.64 -2.96 -18.46
CA GLU A 53 -8.86 -4.41 -18.51
C GLU A 53 -7.56 -5.21 -18.53
N ALA A 54 -6.61 -4.73 -19.32
CA ALA A 54 -5.29 -5.35 -19.42
C ALA A 54 -4.50 -5.18 -18.13
N VAL A 55 -4.57 -3.97 -17.56
CA VAL A 55 -3.89 -3.68 -16.29
C VAL A 55 -4.46 -4.54 -15.17
N ARG A 56 -5.79 -4.67 -15.12
CA ARG A 56 -6.41 -5.56 -14.15
C ARG A 56 -5.94 -7.03 -14.30
N ALA A 57 -5.89 -7.50 -15.55
CA ALA A 57 -5.48 -8.85 -15.82
C ALA A 57 -4.04 -9.08 -15.36
N LEU A 58 -3.16 -8.09 -15.56
CA LEU A 58 -1.76 -8.22 -15.12
C LEU A 58 -1.68 -8.33 -13.60
N THR A 59 -2.34 -7.42 -12.89
CA THR A 59 -2.32 -7.45 -11.44
C THR A 59 -2.89 -8.74 -10.85
N CYS A 60 -4.03 -9.19 -11.38
CA CYS A 60 -4.64 -10.41 -10.89
C CYS A 60 -3.76 -11.64 -11.17
N THR A 61 -3.11 -11.62 -12.33
CA THR A 61 -2.27 -12.71 -12.76
C THR A 61 -0.98 -12.80 -11.92
N LEU A 62 -0.32 -11.67 -11.68
CA LEU A 62 0.88 -11.67 -10.84
C LEU A 62 0.59 -12.13 -9.41
N LEU A 63 -0.52 -11.66 -8.86
CA LEU A 63 -0.91 -12.07 -7.51
C LEU A 63 -1.16 -13.55 -7.45
N ARG A 64 -1.79 -14.11 -8.51
CA ARG A 64 -2.04 -15.54 -8.55
C ARG A 64 -0.75 -16.35 -8.71
N GLU A 65 0.07 -15.93 -9.66
CA GLU A 65 1.31 -16.65 -10.02
C GLU A 65 2.39 -16.65 -8.95
N ASP A 66 2.63 -15.47 -8.40
CA ASP A 66 3.76 -15.23 -7.50
C ASP A 66 3.38 -15.31 -6.03
N PHE A 67 2.10 -15.12 -5.67
CA PHE A 67 1.66 -15.10 -4.27
C PHE A 67 0.55 -16.08 -3.91
N GLY A 68 0.01 -16.83 -4.89
CA GLY A 68 -1.11 -17.73 -4.65
C GLY A 68 -2.41 -17.03 -4.25
N LEU A 69 -2.60 -15.77 -4.63
CA LEU A 69 -3.77 -15.04 -4.22
C LEU A 69 -4.71 -14.94 -5.38
N SER A 70 -5.98 -15.23 -5.14
CA SER A 70 -7.05 -15.00 -6.11
C SER A 70 -7.83 -13.78 -5.75
N ILE A 71 -7.78 -12.77 -6.61
CA ILE A 71 -8.52 -11.58 -6.34
C ILE A 71 -9.45 -11.22 -7.47
N ASP A 72 -10.50 -10.52 -7.08
CA ASP A 72 -11.48 -10.04 -7.95
C ASP A 72 -11.63 -8.57 -7.72
N ILE A 73 -11.44 -7.75 -8.74
CA ILE A 73 -11.59 -6.32 -8.57
C ILE A 73 -12.34 -5.65 -9.72
N PRO A 74 -12.97 -4.49 -9.46
CA PRO A 74 -13.71 -3.78 -10.51
C PRO A 74 -12.81 -2.90 -11.38
N LEU A 75 -13.28 -2.56 -12.57
CA LEU A 75 -12.61 -1.61 -13.44
C LEU A 75 -12.78 -0.15 -12.97
N GLU A 76 -13.73 0.12 -12.07
CA GLU A 76 -14.14 1.48 -11.68
C GLU A 76 -13.47 1.97 -10.40
N ARG A 77 -12.50 1.25 -9.87
CA ARG A 77 -11.69 1.70 -8.75
C ARG A 77 -10.24 1.45 -9.05
N LEU A 78 -9.37 2.10 -8.30
CA LEU A 78 -7.93 2.03 -8.54
C LEU A 78 -7.41 0.58 -8.61
N ILE A 79 -6.72 0.24 -9.70
CA ILE A 79 -6.02 -1.05 -9.84
C ILE A 79 -4.55 -0.88 -9.41
N PRO A 80 -4.14 -1.55 -8.34
CA PRO A 80 -2.75 -1.38 -7.92
C PRO A 80 -1.74 -2.08 -8.81
N THR A 81 -0.52 -1.58 -8.78
CA THR A 81 0.59 -2.19 -9.47
C THR A 81 1.47 -2.93 -8.47
N VAL A 82 1.54 -4.26 -8.62
CA VAL A 82 2.10 -5.10 -7.60
C VAL A 82 3.60 -4.84 -7.28
N PRO A 83 4.49 -4.77 -8.29
CA PRO A 83 5.90 -4.57 -7.98
C PRO A 83 6.15 -3.31 -7.16
N LEU A 84 5.40 -2.26 -7.45
CA LEU A 84 5.54 -1.01 -6.74
C LEU A 84 5.07 -1.16 -5.30
N ARG A 85 3.92 -1.78 -5.10
CA ARG A 85 3.39 -2.00 -3.73
C ARG A 85 4.34 -2.82 -2.85
N LEU A 86 4.99 -3.85 -3.44
CA LEU A 86 5.94 -4.66 -2.69
C LEU A 86 7.06 -3.87 -2.07
N ASN A 87 7.50 -2.80 -2.72
CA ASN A 87 8.55 -1.94 -2.12
C ASN A 87 8.15 -1.45 -0.75
N TYR A 88 6.88 -1.05 -0.62
CA TYR A 88 6.39 -0.50 0.65
C TYR A 88 6.37 -1.59 1.74
N ILE A 89 5.94 -2.80 1.39
CA ILE A 89 5.92 -3.92 2.34
C ILE A 89 7.32 -4.18 2.86
N HIS A 90 8.31 -4.25 1.97
CA HIS A 90 9.70 -4.49 2.38
C HIS A 90 10.30 -3.34 3.18
N TRP A 91 9.93 -2.12 2.85
CA TRP A 91 10.35 -0.96 3.63
C TRP A 91 9.81 -1.00 5.06
N VAL A 92 8.54 -1.37 5.20
CA VAL A 92 7.93 -1.53 6.51
C VAL A 92 8.64 -2.64 7.29
N GLU A 93 8.97 -3.73 6.61
CA GLU A 93 9.76 -4.79 7.23
C GLU A 93 11.05 -4.22 7.86
N ASP A 94 11.74 -3.38 7.11
CA ASP A 94 12.97 -2.77 7.61
C ASP A 94 12.68 -1.84 8.79
N LEU A 95 11.63 -1.02 8.70
CA LEU A 95 11.32 -0.13 9.82
C LEU A 95 11.11 -0.83 11.15
N ILE A 96 10.38 -1.94 11.09
CA ILE A 96 10.02 -2.64 12.33
C ILE A 96 11.00 -3.73 12.75
N GLY A 97 12.10 -3.88 12.03
CA GLY A 97 13.12 -4.86 12.39
C GLY A 97 12.73 -6.31 12.09
N HIS A 98 11.86 -6.50 11.10
CA HIS A 98 11.33 -7.82 10.78
C HIS A 98 12.38 -8.87 10.39
N GLN A 99 13.40 -8.48 9.61
CA GLN A 99 14.48 -9.42 9.20
C GLN A 99 15.24 -10.02 10.37
N ASP A 100 15.31 -9.28 11.50
CA ASP A 100 16.14 -9.69 12.62
C ASP A 100 15.42 -10.29 13.82
N SER A 101 14.11 -10.49 13.72
CA SER A 101 13.35 -11.21 14.74
C SER A 101 12.93 -12.60 14.18
N ASP A 102 12.16 -13.36 14.95
CA ASP A 102 11.70 -14.70 14.56
C ASP A 102 10.17 -14.68 14.52
N LYS A 103 9.57 -15.82 14.14
CA LYS A 103 8.12 -16.00 14.07
C LYS A 103 7.35 -15.78 15.35
N SER A 104 7.97 -16.03 16.50
CA SER A 104 7.28 -15.80 17.79
C SER A 104 6.75 -14.38 18.06
N THR A 105 7.15 -13.37 17.27
CA THR A 105 6.67 -12.01 17.43
C THR A 105 5.54 -11.72 16.45
N LEU A 106 4.30 -11.59 16.92
CA LEU A 106 3.19 -11.26 16.02
C LEU A 106 3.23 -9.76 15.78
N ARG A 107 3.03 -9.33 14.55
CA ARG A 107 2.95 -7.91 14.23
C ARG A 107 1.54 -7.52 13.83
N ARG A 108 1.19 -6.26 14.12
CA ARG A 108 -0.17 -5.76 13.95
C ARG A 108 -0.10 -4.43 13.22
N GLY A 109 -0.65 -4.39 12.02
CA GLY A 109 -0.67 -3.20 11.21
C GLY A 109 -2.07 -2.65 10.98
N ILE A 110 -2.12 -1.42 10.48
CA ILE A 110 -3.33 -0.80 10.05
C ILE A 110 -3.06 -0.30 8.61
N ASP A 111 -3.95 -0.65 7.68
CA ASP A 111 -3.93 -0.12 6.32
C ASP A 111 -5.12 0.86 6.15
N ILE A 112 -4.79 2.14 6.00
CA ILE A 112 -5.79 3.20 5.88
C ILE A 112 -6.17 3.36 4.41
N GLY A 113 -7.42 3.03 4.08
CA GLY A 113 -7.93 3.12 2.73
C GLY A 113 -7.35 1.96 1.90
N THR A 114 -7.81 0.76 2.23
CA THR A 114 -7.21 -0.46 1.74
C THR A 114 -7.49 -0.77 0.28
N GLY A 115 -8.56 -0.23 -0.28
CA GLY A 115 -8.86 -0.37 -1.71
C GLY A 115 -9.52 -1.71 -2.03
N ALA A 116 -10.06 -1.81 -3.24
CA ALA A 116 -10.78 -3.04 -3.66
C ALA A 116 -9.93 -4.32 -3.61
N SER A 117 -8.63 -4.15 -3.91
N SER A 117 -8.63 -4.22 -3.90
CA SER A 117 -7.60 -5.19 -3.89
CA SER A 117 -7.74 -5.39 -3.88
C SER A 117 -7.27 -5.77 -2.52
C SER A 117 -7.28 -5.82 -2.50
N CYS A 118 -7.43 -4.94 -1.50
CA CYS A 118 -6.88 -5.18 -0.14
C CYS A 118 -5.42 -5.58 -0.23
N ILE A 119 -4.67 -4.92 -1.10
CA ILE A 119 -3.38 -5.48 -1.51
C ILE A 119 -2.33 -5.47 -0.41
N TYR A 120 -2.23 -4.38 0.37
CA TYR A 120 -1.20 -4.40 1.41
C TYR A 120 -1.47 -5.48 2.45
N PRO A 121 -2.69 -5.59 2.98
CA PRO A 121 -2.92 -6.66 3.95
C PRO A 121 -2.74 -8.08 3.39
N LEU A 122 -3.22 -8.31 2.16
CA LEU A 122 -3.02 -9.64 1.56
C LEU A 122 -1.55 -9.98 1.40
N LEU A 123 -0.76 -9.05 0.90
CA LEU A 123 0.69 -9.29 0.80
C LEU A 123 1.36 -9.46 2.15
N GLY A 124 1.07 -8.58 3.10
CA GLY A 124 1.70 -8.66 4.41
C GLY A 124 1.31 -9.91 5.19
N ALA A 125 0.02 -10.26 5.14
CA ALA A 125 -0.46 -11.47 5.80
C ALA A 125 0.10 -12.73 5.14
N THR A 126 0.16 -12.74 3.81
CA THR A 126 0.70 -13.88 3.07
C THR A 126 2.20 -14.05 3.29
N LEU A 127 2.97 -12.99 3.13
CA LEU A 127 4.42 -13.10 3.22
C LEU A 127 4.92 -13.26 4.65
N ASN A 128 4.29 -12.57 5.60
CA ASN A 128 4.86 -12.43 6.92
C ASN A 128 3.94 -12.89 8.06
N GLY A 129 2.70 -13.32 7.81
CA GLY A 129 1.80 -13.63 8.92
C GLY A 129 1.40 -12.39 9.77
N TRP A 130 1.49 -11.19 9.19
CA TRP A 130 1.06 -9.98 9.86
C TRP A 130 -0.46 -9.87 9.95
N TYR A 131 -0.96 -9.35 11.09
CA TYR A 131 -2.37 -8.97 11.29
C TYR A 131 -2.57 -7.58 10.76
N PHE A 132 -3.75 -7.31 10.22
CA PHE A 132 -4.12 -5.97 9.74
C PHE A 132 -5.55 -5.65 10.14
N LEU A 133 -5.74 -4.41 10.52
CA LEU A 133 -7.03 -3.73 10.49
C LEU A 133 -6.97 -2.94 9.19
N ALA A 134 -7.91 -3.17 8.29
CA ALA A 134 -7.88 -2.56 6.96
C ALA A 134 -9.16 -1.75 6.81
N THR A 135 -9.04 -0.42 6.71
CA THR A 135 -10.18 0.45 6.69
C THR A 135 -10.49 0.93 5.31
N GLU A 136 -11.78 1.19 5.06
CA GLU A 136 -12.22 1.72 3.79
C GLU A 136 -13.46 2.59 3.90
N VAL A 137 -13.43 3.79 3.32
CA VAL A 137 -14.61 4.69 3.26
C VAL A 137 -15.56 4.37 2.12
N ASP A 138 -15.03 3.89 1.01
CA ASP A 138 -15.82 3.62 -0.17
C ASP A 138 -16.55 2.29 -0.11
N ASP A 139 -17.84 2.31 -0.38
CA ASP A 139 -18.65 1.09 -0.29
C ASP A 139 -18.24 -0.03 -1.24
N MET A 140 -18.03 0.29 -2.52
CA MET A 140 -17.64 -0.71 -3.48
C MET A 140 -16.26 -1.31 -3.08
N CYS A 141 -15.28 -0.45 -2.79
CA CYS A 141 -13.95 -0.94 -2.40
C CYS A 141 -14.04 -1.83 -1.16
N PHE A 142 -14.83 -1.41 -0.17
CA PHE A 142 -15.08 -2.21 1.05
C PHE A 142 -15.61 -3.60 0.71
N ASN A 143 -16.67 -3.65 -0.10
CA ASN A 143 -17.27 -4.92 -0.47
C ASN A 143 -16.29 -5.84 -1.16
N TYR A 144 -15.55 -5.31 -2.10
CA TYR A 144 -14.57 -6.12 -2.80
C TYR A 144 -13.44 -6.58 -1.86
N ALA A 145 -12.98 -5.68 -1.00
CA ALA A 145 -11.86 -5.97 -0.11
C ALA A 145 -12.24 -7.10 0.81
N LYS A 146 -13.42 -7.01 1.37
CA LYS A 146 -13.93 -8.02 2.26
C LYS A 146 -14.00 -9.37 1.56
N LYS A 147 -14.50 -9.42 0.32
CA LYS A 147 -14.55 -10.68 -0.42
C LYS A 147 -13.18 -11.21 -0.76
N ASN A 148 -12.26 -10.34 -1.16
CA ASN A 148 -10.89 -10.80 -1.46
C ASN A 148 -10.17 -11.44 -0.26
N VAL A 149 -10.37 -10.89 0.94
CA VAL A 149 -9.82 -11.47 2.16
C VAL A 149 -10.46 -12.81 2.46
N GLU A 150 -11.80 -12.86 2.34
N GLU A 150 -11.79 -12.90 2.34
CA GLU A 150 -12.60 -14.08 2.52
CA GLU A 150 -12.47 -14.15 2.60
C GLU A 150 -12.18 -15.19 1.55
C GLU A 150 -12.18 -15.22 1.56
N GLN A 151 -12.13 -14.88 0.26
CA GLN A 151 -11.84 -15.90 -0.77
C GLN A 151 -10.39 -16.43 -0.67
N ASN A 152 -9.49 -15.68 -0.04
CA ASN A 152 -8.14 -16.18 0.26
C ASN A 152 -7.93 -16.70 1.68
N ASN A 153 -9.03 -16.85 2.43
CA ASN A 153 -9.03 -17.45 3.74
C ASN A 153 -8.12 -16.77 4.76
N LEU A 154 -8.09 -15.43 4.71
CA LEU A 154 -7.25 -14.65 5.57
C LEU A 154 -8.01 -13.75 6.54
N SER A 155 -9.28 -14.06 6.76
CA SER A 155 -10.05 -13.24 7.68
C SER A 155 -9.65 -13.41 9.17
N ASP A 156 -8.92 -14.45 9.55
N ASP A 156 -8.95 -14.51 9.47
CA ASP A 156 -8.36 -14.48 10.92
CA ASP A 156 -8.21 -14.72 10.71
C ASP A 156 -7.18 -13.49 11.08
C ASP A 156 -7.18 -13.59 11.03
N LEU A 157 -6.52 -13.10 9.98
CA LEU A 157 -5.44 -12.12 10.07
C LEU A 157 -5.85 -10.73 9.67
N ILE A 158 -6.82 -10.58 8.80
CA ILE A 158 -7.15 -9.28 8.25
C ILE A 158 -8.63 -8.96 8.56
N LYS A 159 -8.85 -7.87 9.30
CA LYS A 159 -10.18 -7.40 9.61
C LYS A 159 -10.48 -6.17 8.75
N VAL A 160 -11.39 -6.33 7.78
CA VAL A 160 -11.75 -5.25 6.85
C VAL A 160 -12.92 -4.50 7.45
N VAL A 161 -12.81 -3.19 7.58
CA VAL A 161 -13.82 -2.39 8.30
C VAL A 161 -14.23 -1.20 7.42
N LYS A 162 -15.52 -1.01 7.29
CA LYS A 162 -16.08 0.12 6.56
C LYS A 162 -16.11 1.27 7.56
N VAL A 163 -15.56 2.42 7.24
CA VAL A 163 -15.52 3.52 8.22
C VAL A 163 -16.24 4.73 7.64
N PRO A 164 -16.70 5.66 8.52
CA PRO A 164 -17.40 6.81 8.00
C PRO A 164 -16.51 7.71 7.15
N GLN A 165 -17.16 8.37 6.19
CA GLN A 165 -16.53 9.23 5.18
C GLN A 165 -15.43 10.16 5.70
N LYS A 166 -15.59 10.68 6.91
CA LYS A 166 -14.69 11.71 7.38
C LYS A 166 -13.95 11.32 8.67
N THR A 167 -13.64 10.04 8.82
CA THR A 167 -12.87 9.52 9.96
C THR A 167 -11.53 9.00 9.49
N LEU A 168 -10.63 8.79 10.43
CA LEU A 168 -9.32 8.28 10.10
C LEU A 168 -8.86 7.33 11.20
N LEU A 169 -7.61 7.47 11.66
CA LEU A 169 -6.96 6.51 12.54
C LEU A 169 -7.53 6.48 13.94
N MET A 170 -7.62 7.66 14.57
CA MET A 170 -8.14 7.78 15.95
C MET A 170 -9.53 7.19 16.14
N ASP A 171 -10.43 7.46 15.19
CA ASP A 171 -11.78 6.94 15.27
C ASP A 171 -11.82 5.44 15.10
N ALA A 172 -10.89 4.89 14.32
CA ALA A 172 -10.82 3.47 14.13
C ALA A 172 -10.34 2.66 15.37
N LEU A 173 -9.64 3.29 16.32
CA LEU A 173 -8.91 2.62 17.45
C LEU A 173 -9.39 2.93 18.91
N LYS A 174 -10.62 2.52 19.20
CA LYS A 174 -11.17 2.72 20.59
C LYS A 174 -11.05 1.43 21.51
N GLU A 175 -11.97 1.21 22.45
CA GLU A 175 -11.92 0.03 23.37
C GLU A 175 -11.83 -1.34 22.68
N GLU A 176 -12.43 -1.44 21.49
CA GLU A 176 -12.20 -2.54 20.52
C GLU A 176 -10.71 -2.81 20.12
N SER A 177 -9.82 -1.85 20.27
CA SER A 177 -8.51 -2.00 19.61
C SER A 177 -7.49 -2.92 20.36
N GLU A 178 -6.47 -3.29 19.61
CA GLU A 178 -5.27 -3.83 20.18
C GLU A 178 -4.64 -2.67 20.96
N ILE A 179 -3.87 -3.02 22.00
CA ILE A 179 -3.18 -2.00 22.78
C ILE A 179 -2.13 -1.26 21.92
N ILE A 180 -1.22 -2.00 21.31
CA ILE A 180 -0.13 -1.45 20.52
C ILE A 180 -0.17 -2.03 19.10
N TYR A 181 0.02 -1.17 18.09
CA TYR A 181 0.12 -1.59 16.71
C TYR A 181 1.57 -1.32 16.33
N ASP A 182 2.11 -2.13 15.44
CA ASP A 182 3.47 -1.95 15.02
C ASP A 182 3.63 -0.83 13.96
N PHE A 183 2.60 -0.66 13.14
CA PHE A 183 2.67 0.30 12.02
C PHE A 183 1.28 0.68 11.44
N CYS A 184 1.22 1.86 10.80
CA CYS A 184 0.21 2.08 9.78
C CYS A 184 0.85 2.31 8.41
N MET A 185 0.12 1.93 7.38
CA MET A 185 0.45 2.11 5.98
C MET A 185 -0.71 2.86 5.34
N CYS A 186 -0.41 3.75 4.39
N CYS A 186 -0.43 3.50 4.23
CA CYS A 186 -1.44 4.31 3.49
CA CYS A 186 -1.43 4.31 3.59
C CYS A 186 -0.90 4.58 2.12
C CYS A 186 -0.98 4.74 2.18
N ASN A 187 -1.81 4.43 1.19
CA ASN A 187 -1.72 5.05 -0.12
C ASN A 187 -2.80 6.16 -0.07
N PRO A 188 -2.44 7.47 -0.11
CA PRO A 188 -3.55 8.47 -0.13
C PRO A 188 -4.52 8.30 -1.32
N PRO A 189 -5.82 8.64 -1.12
CA PRO A 189 -6.80 8.57 -2.22
C PRO A 189 -6.39 9.49 -3.37
N PHE A 190 -6.91 9.25 -4.57
CA PHE A 190 -6.58 10.08 -5.74
C PHE A 190 -7.34 11.40 -5.67
N PHE A 191 -6.70 12.48 -6.14
CA PHE A 191 -7.27 13.85 -6.09
C PHE A 191 -6.90 14.63 -7.35
N GLY A 217 -2.43 34.29 -10.70
CA GLY A 217 -1.94 35.69 -10.56
C GLY A 217 -2.67 36.54 -9.53
N ILE A 218 -3.49 35.92 -8.68
CA ILE A 218 -4.28 36.64 -7.65
C ILE A 218 -3.87 36.21 -6.26
N THR A 219 -3.96 34.93 -5.96
CA THR A 219 -3.49 34.43 -4.67
C THR A 219 -2.08 33.89 -4.89
N GLU A 220 -1.10 34.49 -4.24
CA GLU A 220 0.25 33.98 -4.29
C GLU A 220 0.40 32.56 -3.69
N ILE A 221 -0.19 32.31 -2.54
CA ILE A 221 -0.01 31.03 -1.83
C ILE A 221 -0.66 29.87 -2.62
N MET A 222 0.06 28.77 -2.79
CA MET A 222 -0.51 27.58 -3.39
C MET A 222 -1.33 26.85 -2.34
N ALA A 223 -2.51 26.37 -2.73
CA ALA A 223 -3.31 25.48 -1.89
C ALA A 223 -2.53 24.21 -1.60
N GLU A 224 -2.75 23.62 -0.43
CA GLU A 224 -2.08 22.39 -0.07
C GLU A 224 -2.36 21.20 -1.03
N GLY A 225 -3.57 21.11 -1.58
CA GLY A 225 -3.97 19.93 -2.36
C GLY A 225 -4.34 18.73 -1.51
N GLY A 226 -4.98 17.76 -2.16
CA GLY A 226 -5.55 16.61 -1.48
C GLY A 226 -4.56 15.75 -0.75
N GLU A 227 -3.42 15.47 -1.35
CA GLU A 227 -2.46 14.55 -0.74
C GLU A 227 -1.85 15.14 0.56
N LEU A 228 -1.33 16.34 0.46
CA LEU A 228 -0.75 17.03 1.62
C LEU A 228 -1.78 17.16 2.79
N GLU A 229 -2.98 17.62 2.48
CA GLU A 229 -4.04 17.70 3.48
C GLU A 229 -4.30 16.39 4.15
N PHE A 230 -4.33 15.29 3.36
CA PHE A 230 -4.70 14.00 3.89
C PHE A 230 -3.64 13.52 4.85
N VAL A 231 -2.37 13.64 4.45
CA VAL A 231 -1.28 13.12 5.27
C VAL A 231 -1.14 13.98 6.54
N LYS A 232 -1.43 15.27 6.45
CA LYS A 232 -1.51 16.14 7.65
C LYS A 232 -2.57 15.70 8.67
N ARG A 233 -3.65 15.09 8.20
CA ARG A 233 -4.62 14.45 9.08
C ARG A 233 -4.04 13.29 9.81
N ILE A 234 -3.22 12.47 9.14
CA ILE A 234 -2.56 11.39 9.80
C ILE A 234 -1.57 11.91 10.88
N ILE A 235 -0.80 12.93 10.55
CA ILE A 235 0.11 13.56 11.49
C ILE A 235 -0.66 14.03 12.76
N HIS A 236 -1.79 14.64 12.51
CA HIS A 236 -2.64 15.12 13.58
C HIS A 236 -3.15 13.98 14.49
N ASP A 237 -3.58 12.87 13.92
CA ASP A 237 -3.98 11.72 14.70
C ASP A 237 -2.81 11.10 15.46
N SER A 238 -1.61 11.10 14.88
CA SER A 238 -0.44 10.49 15.46
C SER A 238 -0.02 11.26 16.75
N LEU A 239 -0.27 12.55 16.74
CA LEU A 239 0.00 13.42 17.90
C LEU A 239 -0.86 13.11 19.16
N GLN A 240 -2.04 12.51 18.94
N GLN A 240 -2.02 12.45 18.96
CA GLN A 240 -2.85 11.90 20.00
CA GLN A 240 -2.84 11.91 20.02
C GLN A 240 -2.39 10.49 20.36
C GLN A 240 -2.53 10.45 20.37
N LEU A 241 -2.28 9.62 19.35
CA LEU A 241 -2.00 8.20 19.59
C LEU A 241 -0.61 7.93 20.10
N LYS A 242 0.33 8.73 19.62
CA LYS A 242 1.75 8.72 19.97
C LYS A 242 2.32 7.30 20.01
N LYS A 243 2.66 6.77 21.19
CA LYS A 243 3.28 5.41 21.26
C LYS A 243 2.39 4.21 21.08
N ARG A 244 1.09 4.42 20.91
CA ARG A 244 0.21 3.33 20.54
C ARG A 244 0.50 2.67 19.18
N LEU A 245 1.21 3.35 18.30
CA LEU A 245 1.81 2.75 17.08
C LEU A 245 3.31 2.96 17.12
N ARG A 246 4.08 1.94 16.77
CA ARG A 246 5.51 2.07 16.73
C ARG A 246 5.98 3.02 15.60
N TRP A 247 5.37 2.89 14.41
CA TRP A 247 5.66 3.72 13.25
C TRP A 247 4.37 4.16 12.54
N TYR A 248 4.31 5.40 12.12
CA TYR A 248 3.26 5.92 11.24
C TYR A 248 3.93 6.00 9.90
N SER A 249 3.26 5.56 8.85
CA SER A 249 3.79 5.77 7.49
C SER A 249 2.74 6.10 6.42
N CYS A 250 3.18 6.72 5.33
N CYS A 250 3.24 6.63 5.33
CA CYS A 250 2.35 6.95 4.13
CA CYS A 250 2.46 6.90 4.13
C CYS A 250 3.25 6.96 2.89
C CYS A 250 3.35 6.70 2.92
N MET A 251 2.73 6.46 1.77
CA MET A 251 3.43 6.45 0.48
C MET A 251 2.91 7.61 -0.33
N LEU A 252 3.77 8.48 -0.80
CA LEU A 252 3.34 9.70 -1.40
C LEU A 252 3.48 9.58 -2.93
N GLY A 253 2.48 10.09 -3.65
CA GLY A 253 2.51 10.14 -5.11
C GLY A 253 2.99 11.45 -5.67
N LYS A 254 2.98 12.53 -4.91
CA LYS A 254 3.45 13.84 -5.43
C LYS A 254 4.78 14.22 -4.78
N LYS A 255 5.79 14.44 -5.60
CA LYS A 255 7.10 14.91 -5.17
C LYS A 255 7.01 16.13 -4.22
N CYS A 256 6.06 17.00 -4.47
CA CYS A 256 5.96 18.28 -3.73
C CYS A 256 5.37 18.08 -2.29
N SER A 257 4.92 16.87 -1.98
CA SER A 257 4.40 16.53 -0.64
C SER A 257 5.48 16.41 0.47
N LEU A 258 6.63 15.85 0.11
CA LEU A 258 7.58 15.39 1.10
C LEU A 258 8.14 16.53 1.97
N ALA A 259 8.59 17.60 1.33
CA ALA A 259 9.26 18.71 2.05
C ALA A 259 8.32 19.36 3.08
N PRO A 260 7.10 19.75 2.67
CA PRO A 260 6.20 20.32 3.69
C PRO A 260 5.76 19.35 4.79
N LEU A 261 5.67 18.06 4.51
CA LEU A 261 5.31 17.12 5.56
C LEU A 261 6.47 16.97 6.56
N LYS A 262 7.71 16.93 6.09
CA LYS A 262 8.89 16.93 7.00
C LYS A 262 8.95 18.17 7.88
N GLU A 263 8.57 19.31 7.31
CA GLU A 263 8.56 20.55 8.05
C GLU A 263 7.48 20.54 9.15
N GLU A 264 6.30 20.05 8.81
CA GLU A 264 5.20 19.91 9.78
C GLU A 264 5.61 18.94 10.92
N LEU A 265 6.33 17.86 10.59
CA LEU A 265 6.83 16.94 11.64
C LEU A 265 7.92 17.62 12.55
N ARG A 266 8.78 18.42 11.94
CA ARG A 266 9.77 19.23 12.68
C ARG A 266 9.06 20.18 13.65
N ILE A 267 8.15 20.99 13.13
CA ILE A 267 7.36 21.96 13.91
C ILE A 267 6.74 21.31 15.12
N GLN A 268 6.23 20.10 14.97
CA GLN A 268 5.53 19.38 16.03
C GLN A 268 6.47 18.61 16.96
N GLY A 269 7.78 18.66 16.72
CA GLY A 269 8.75 17.98 17.58
C GLY A 269 8.73 16.47 17.50
N VAL A 270 8.36 15.90 16.35
CA VAL A 270 8.30 14.46 16.24
C VAL A 270 9.72 13.98 16.22
N PRO A 271 10.06 13.06 17.12
CA PRO A 271 11.47 12.77 17.32
C PRO A 271 12.19 11.91 16.27
N LYS A 272 11.49 10.98 15.61
CA LYS A 272 12.15 10.06 14.66
C LYS A 272 11.40 10.19 13.33
N VAL A 273 12.14 10.57 12.28
CA VAL A 273 11.60 10.70 10.93
C VAL A 273 12.53 9.99 9.94
N THR A 274 11.98 9.21 9.00
CA THR A 274 12.78 8.58 7.97
C THR A 274 11.97 8.56 6.63
N TYR A 275 12.66 8.47 5.51
CA TYR A 275 11.99 8.57 4.23
C TYR A 275 12.82 7.89 3.17
N THR A 276 12.19 7.52 2.09
CA THR A 276 12.89 6.87 1.00
C THR A 276 12.09 7.07 -0.27
N GLU A 277 12.59 6.55 -1.37
CA GLU A 277 12.05 6.83 -2.68
C GLU A 277 12.05 5.51 -3.43
N PHE A 278 10.95 5.18 -4.09
CA PHE A 278 10.88 4.00 -4.95
C PHE A 278 10.28 4.38 -6.29
N CYS A 279 10.51 3.52 -7.28
CA CYS A 279 9.75 3.62 -8.52
C CYS A 279 9.58 2.29 -9.25
N GLN A 280 8.62 2.29 -10.17
CA GLN A 280 8.42 1.21 -11.15
C GLN A 280 8.31 1.92 -12.50
N GLY A 281 9.37 1.84 -13.31
CA GLY A 281 9.42 2.64 -14.56
C GLY A 281 9.35 4.12 -14.19
N ARG A 282 8.49 4.87 -14.89
CA ARG A 282 8.19 6.26 -14.56
C ARG A 282 7.26 6.51 -13.34
N THR A 283 6.68 5.47 -12.76
CA THR A 283 5.76 5.65 -11.62
C THR A 283 6.63 5.80 -10.34
N MET A 284 6.74 7.03 -9.90
CA MET A 284 7.54 7.37 -8.72
C MET A 284 6.73 7.54 -7.43
N ARG A 285 7.35 7.13 -6.33
CA ARG A 285 6.75 7.21 -4.99
C ARG A 285 7.80 7.66 -3.95
N TRP A 286 7.31 8.34 -2.90
CA TRP A 286 8.18 8.79 -1.78
C TRP A 286 7.54 8.19 -0.55
N ALA A 287 8.31 7.47 0.24
CA ALA A 287 7.76 6.86 1.44
C ALA A 287 8.27 7.72 2.61
N LEU A 288 7.35 8.01 3.55
CA LEU A 288 7.64 8.81 4.75
C LEU A 288 7.11 8.08 5.97
N ALA A 289 7.94 7.94 7.02
CA ALA A 289 7.54 7.28 8.27
C ALA A 289 8.06 8.08 9.50
N TRP A 290 7.30 8.03 10.59
CA TRP A 290 7.70 8.76 11.81
C TRP A 290 7.24 7.99 13.04
N SER A 291 7.84 8.34 14.17
CA SER A 291 7.70 7.59 15.42
C SER A 291 7.92 8.54 16.60
N PHE A 292 7.24 8.23 17.69
CA PHE A 292 7.42 8.93 18.97
C PHE A 292 8.32 8.16 19.92
N TYR A 293 8.78 7.00 19.52
CA TYR A 293 9.77 6.28 20.29
C TYR A 293 11.17 6.85 20.06
N ASP A 294 12.07 6.55 20.98
CA ASP A 294 13.48 6.98 20.86
C ASP A 294 14.21 6.13 19.79
NA NA B . 4.80 -19.07 -9.05
C1 EDO C . -18.92 -7.37 -4.05
O1 EDO C . -19.36 -6.07 -4.46
C2 EDO C . -18.25 -8.08 -5.22
O2 EDO C . -19.21 -8.60 -6.13
C1 EDO D . -11.88 -3.07 15.37
O1 EDO D . -12.51 -2.04 14.58
C2 EDO D . -10.53 -2.67 15.96
O2 EDO D . -10.50 -1.31 16.42
C1 EDO E . 1.78 11.06 26.34
O1 EDO E . 2.19 10.05 27.28
C2 EDO E . 3.01 11.86 26.02
O2 EDO E . 4.12 10.96 26.19
#